data_7BU6
#
_entry.id   7BU6
#
_cell.length_a   376.779
_cell.length_b   66.009
_cell.length_c   47.841
_cell.angle_alpha   90.000
_cell.angle_beta   93.458
_cell.angle_gamma   90.000
#
_symmetry.space_group_name_H-M   'C 1 2 1'
#
loop_
_entity.id
_entity.type
_entity.pdbx_description
1 polymer 'Endolysin,Endolysin,Endolysin,Beta-1 adrenergic receptor chimera'
2 polymer 'camelid antibody fragment'
3 branched alpha-D-glucopyranose-(1-4)-alpha-D-glucopyranose
4 non-polymer Noradrenaline
5 non-polymer 'SULFATE ION'
6 non-polymer 'SODIUM ION'
7 non-polymer '4-(2-HYDROXYETHYL)-1-PIPERAZINE ETHANESULFONIC ACID'
8 non-polymer '(2S)-2,3-dihydroxypropyl octanoate'
9 non-polymer CHOLESTEROL
10 non-polymer 'TETRAETHYLENE GLYCOL'
11 water water
#
loop_
_entity_poly.entity_id
_entity_poly.type
_entity_poly.pdbx_seq_one_letter_code
_entity_poly.pdbx_strand_id
1 'polypeptide(L)'
;DYKDDDDANIFEMLRIDEGLRLKIYKDTEGYYTIGIGHLLTKSPSLNAAKSELDKAIGRNTNGVITKDEAEKLFNQDVDA
AVRGILRNAKLKPVYDSLDAVRRAALINMVFQMGETGVAGFTNSLRMLQQKRWDEAAVNLAKSRWYNQTPNRAKRVITTF
RTGTWDAYAASQQWTAGMGLLMALIVLLIVAGNVLVIVAIAKTPRLQTLTNLFIMSLASADLVMGLLVVPFGATIVVWGR
WEYGSFFCELWTSVDVLCVTASIETLCVIALDRYLAITSPFRYQSLLTRARARGLVCTVWAISALVSFLPILMHWWRAES
DEARRCYNDPKCCDFVTNRAYAIASSVVSFYVPLCIMAFVYLRVFREAQKQVKKIDSCERRFLGGPARPPSPSPSPVPAP
APPPGPPRPAAAAATAPLANGRAGKRRPSRLVALREQKALKTLGIIMGVFTLCWLPFFLANVVKAFHRELVPDRLFVFFN
WLGYANSAFNPIIYCRSPDFRKAFQGLLCCARRAAR
;
A
2 'polypeptide(L)'
;QVQLQESGGGLVQAGGSLRLSCAASGSIFALNIMGWYRQAPGKQRELVAAIHSGGTTNYANSVKGRFTISRDNAANTVYL
QMNSLKPEDTAVYYCNVKDFGAIIYDYDYWGQGTQVTVSSLEHHHHHH
;
B
#
# COMPACT_ATOMS: atom_id res chain seq x y z
N ASP A 1 11.12 -37.51 -23.42
CA ASP A 1 12.30 -38.08 -24.08
C ASP A 1 13.25 -38.60 -23.01
N TYR A 2 14.45 -39.02 -23.40
CA TYR A 2 15.43 -39.49 -22.42
C TYR A 2 15.95 -38.32 -21.60
N LYS A 3 15.75 -38.39 -20.28
CA LYS A 3 16.29 -37.43 -19.34
C LYS A 3 17.45 -38.05 -18.57
N ASP A 4 18.32 -37.17 -18.09
CA ASP A 4 19.45 -37.53 -17.25
C ASP A 4 19.31 -36.76 -15.93
N ASP A 5 20.19 -37.07 -14.99
CA ASP A 5 20.20 -36.31 -13.75
C ASP A 5 21.02 -35.03 -13.92
N ASP A 6 22.06 -35.06 -14.78
CA ASP A 6 22.72 -33.82 -15.20
C ASP A 6 21.75 -32.90 -15.92
N ASP A 7 20.95 -33.46 -16.83
CA ASP A 7 20.03 -32.66 -17.63
C ASP A 7 19.04 -31.91 -16.73
N ALA A 8 18.60 -32.53 -15.65
CA ALA A 8 17.65 -31.86 -14.77
C ALA A 8 18.30 -30.74 -13.98
N ASN A 9 19.59 -30.84 -13.68
CA ASN A 9 20.28 -29.76 -12.98
C ASN A 9 20.38 -28.52 -13.85
N ILE A 10 20.82 -28.69 -15.10
CA ILE A 10 20.91 -27.54 -15.99
C ILE A 10 19.53 -26.99 -16.32
N PHE A 11 18.47 -27.79 -16.16
CA PHE A 11 17.11 -27.28 -16.33
C PHE A 11 16.73 -26.37 -15.16
N GLU A 12 16.98 -26.82 -13.92
CA GLU A 12 16.67 -26.00 -12.76
C GLU A 12 17.56 -24.76 -12.67
N MET A 13 18.77 -24.82 -13.24
CA MET A 13 19.63 -23.63 -13.29
C MET A 13 18.95 -22.50 -14.06
N LEU A 14 18.50 -22.79 -15.28
CA LEU A 14 17.89 -21.74 -16.08
C LEU A 14 16.45 -21.48 -15.70
N ARG A 15 15.75 -22.45 -15.12
CA ARG A 15 14.45 -22.15 -14.53
C ARG A 15 14.56 -20.96 -13.59
N ILE A 16 15.63 -20.92 -12.79
CA ILE A 16 15.87 -19.80 -11.89
C ILE A 16 16.34 -18.57 -12.66
N ASP A 17 17.25 -18.74 -13.62
CA ASP A 17 17.83 -17.58 -14.31
C ASP A 17 16.84 -16.94 -15.28
N GLU A 18 16.18 -17.74 -16.11
CA GLU A 18 15.33 -17.21 -17.16
C GLU A 18 13.83 -17.37 -16.93
N GLY A 19 13.42 -18.29 -16.06
CA GLY A 19 12.01 -18.51 -15.81
C GLY A 19 11.44 -19.66 -16.61
N LEU A 20 10.32 -20.19 -16.14
CA LEU A 20 9.60 -21.27 -16.79
C LEU A 20 8.17 -20.83 -17.09
N ARG A 21 7.74 -21.03 -18.33
CA ARG A 21 6.37 -20.77 -18.75
C ARG A 21 5.80 -22.03 -19.37
N LEU A 22 4.63 -22.46 -18.89
CA LEU A 22 3.99 -23.65 -19.42
C LEU A 22 2.89 -23.31 -20.43
N LYS A 23 2.78 -22.04 -20.82
CA LYS A 23 1.80 -21.55 -21.76
C LYS A 23 2.51 -20.62 -22.73
N ILE A 24 2.11 -20.67 -24.00
CA ILE A 24 2.79 -19.86 -25.02
C ILE A 24 2.79 -18.39 -24.62
N TYR A 25 3.95 -17.75 -24.77
CA TYR A 25 4.13 -16.34 -24.44
C TYR A 25 4.99 -15.69 -25.51
N LYS A 26 5.20 -14.39 -25.39
CA LYS A 26 5.98 -13.62 -26.36
C LYS A 26 7.32 -13.22 -25.76
N ASP A 27 8.37 -13.27 -26.58
CA ASP A 27 9.70 -12.84 -26.16
C ASP A 27 9.89 -11.36 -26.48
N THR A 28 11.12 -10.86 -26.36
CA THR A 28 11.34 -9.43 -26.51
C THR A 28 11.00 -8.95 -27.92
N GLU A 29 11.09 -9.83 -28.92
CA GLU A 29 10.80 -9.46 -30.30
C GLU A 29 9.37 -9.77 -30.72
N GLY A 30 8.52 -10.21 -29.79
CA GLY A 30 7.15 -10.54 -30.12
C GLY A 30 6.93 -11.95 -30.64
N TYR A 31 7.97 -12.77 -30.67
CA TYR A 31 7.88 -14.11 -31.23
C TYR A 31 7.36 -15.10 -30.19
N TYR A 32 6.55 -16.05 -30.65
CA TYR A 32 5.91 -16.98 -29.72
C TYR A 32 6.92 -18.00 -29.19
N THR A 33 6.81 -18.30 -27.90
CA THR A 33 7.82 -19.03 -27.14
C THR A 33 7.11 -19.84 -26.07
N ILE A 34 7.73 -20.94 -25.63
CA ILE A 34 7.20 -21.71 -24.51
C ILE A 34 8.37 -22.34 -23.76
N GLY A 35 8.10 -22.78 -22.53
CA GLY A 35 9.14 -23.43 -21.74
C GLY A 35 10.13 -22.40 -21.22
N ILE A 36 11.41 -22.75 -21.27
CA ILE A 36 12.48 -21.82 -20.93
C ILE A 36 13.04 -21.32 -22.26
N GLY A 37 12.43 -20.27 -22.80
CA GLY A 37 12.95 -19.60 -23.98
C GLY A 37 13.06 -20.46 -25.22
N HIS A 38 12.11 -21.36 -25.45
CA HIS A 38 12.13 -22.18 -26.67
C HIS A 38 11.29 -21.50 -27.74
N LEU A 39 11.97 -20.93 -28.74
CA LEU A 39 11.29 -20.27 -29.85
C LEU A 39 10.48 -21.28 -30.66
N LEU A 40 9.17 -21.03 -30.77
CA LEU A 40 8.32 -21.89 -31.58
C LEU A 40 8.34 -21.51 -33.05
N THR A 41 8.17 -20.22 -33.35
CA THR A 41 8.10 -19.73 -34.71
C THR A 41 8.27 -18.22 -34.70
N LYS A 42 8.72 -17.68 -35.82
CA LYS A 42 8.68 -16.23 -36.01
C LYS A 42 7.37 -15.79 -36.67
N SER A 43 6.50 -16.73 -37.00
CA SER A 43 5.22 -16.39 -37.60
C SER A 43 4.33 -15.67 -36.59
N PRO A 44 3.58 -14.65 -37.02
CA PRO A 44 2.66 -13.94 -36.12
C PRO A 44 1.36 -14.67 -35.84
N SER A 45 1.25 -15.94 -36.22
CA SER A 45 0.02 -16.71 -36.03
C SER A 45 0.15 -17.58 -34.77
N LEU A 46 -0.77 -17.39 -33.83
CA LEU A 46 -0.77 -18.24 -32.64
C LEU A 46 -1.05 -19.69 -33.00
N ASN A 47 -1.96 -19.93 -33.95
CA ASN A 47 -2.24 -21.29 -34.39
C ASN A 47 -1.00 -21.93 -35.01
N ALA A 48 -0.21 -21.14 -35.74
CA ALA A 48 1.02 -21.68 -36.32
C ALA A 48 2.00 -22.07 -35.22
N ALA A 49 2.08 -21.27 -34.17
CA ALA A 49 2.92 -21.63 -33.03
C ALA A 49 2.39 -22.88 -32.33
N LYS A 50 1.06 -23.03 -32.29
CA LYS A 50 0.47 -24.24 -31.70
C LYS A 50 0.77 -25.47 -32.55
N SER A 51 0.81 -25.31 -33.87
CA SER A 51 1.16 -26.44 -34.73
C SER A 51 2.61 -26.86 -34.53
N GLU A 52 3.52 -25.88 -34.43
CA GLU A 52 4.92 -26.21 -34.20
C GLU A 52 5.10 -26.88 -32.84
N LEU A 53 4.36 -26.42 -31.83
CA LEU A 53 4.45 -27.01 -30.51
C LEU A 53 3.95 -28.46 -30.51
N ASP A 54 2.84 -28.71 -31.21
CA ASP A 54 2.26 -30.06 -31.21
C ASP A 54 3.16 -31.05 -31.96
N LYS A 55 3.82 -30.58 -33.03
CA LYS A 55 4.76 -31.42 -33.76
C LYS A 55 5.96 -31.81 -32.89
N ALA A 56 6.44 -30.88 -32.06
CA ALA A 56 7.64 -31.14 -31.27
C ALA A 56 7.34 -31.95 -30.02
N ILE A 57 6.18 -31.71 -29.40
CA ILE A 57 5.83 -32.40 -28.17
C ILE A 57 5.25 -33.78 -28.45
N GLY A 58 4.48 -33.91 -29.53
CA GLY A 58 3.81 -35.15 -29.84
C GLY A 58 2.48 -35.27 -29.13
N ARG A 59 1.73 -34.17 -29.11
CA ARG A 59 0.45 -34.12 -28.41
C ARG A 59 -0.27 -32.85 -28.83
N ASN A 60 -1.60 -32.92 -28.82
CA ASN A 60 -2.43 -31.73 -29.01
C ASN A 60 -2.41 -30.95 -27.71
N THR A 61 -1.57 -29.91 -27.65
CA THR A 61 -1.36 -29.17 -26.42
C THR A 61 -2.29 -27.98 -26.28
N ASN A 62 -2.71 -27.39 -27.41
CA ASN A 62 -3.51 -26.17 -27.42
C ASN A 62 -2.81 -25.05 -26.66
N GLY A 63 -1.47 -25.04 -26.68
CA GLY A 63 -0.69 -23.98 -26.11
C GLY A 63 -0.18 -24.23 -24.71
N VAL A 64 -0.74 -25.19 -23.97
CA VAL A 64 -0.34 -25.47 -22.59
C VAL A 64 0.42 -26.79 -22.56
N ILE A 65 1.55 -26.81 -21.86
CA ILE A 65 2.40 -27.99 -21.77
C ILE A 65 2.73 -28.24 -20.30
N THR A 66 3.26 -29.42 -20.03
CA THR A 66 3.66 -29.78 -18.68
C THR A 66 5.12 -29.43 -18.46
N LYS A 67 5.58 -29.57 -17.22
CA LYS A 67 7.00 -29.34 -16.94
C LYS A 67 7.87 -30.34 -17.69
N ASP A 68 7.48 -31.63 -17.68
CA ASP A 68 8.28 -32.64 -18.38
C ASP A 68 8.39 -32.31 -19.86
N GLU A 69 7.29 -31.87 -20.46
CA GLU A 69 7.32 -31.47 -21.85
C GLU A 69 8.23 -30.26 -22.07
N ALA A 70 8.23 -29.32 -21.12
CA ALA A 70 9.16 -28.21 -21.20
C ALA A 70 10.61 -28.67 -21.10
N GLU A 71 10.87 -29.71 -20.29
CA GLU A 71 12.23 -30.24 -20.21
C GLU A 71 12.63 -30.95 -21.49
N LYS A 72 11.68 -31.62 -22.15
CA LYS A 72 11.97 -32.19 -23.46
C LYS A 72 12.48 -31.12 -24.42
N LEU A 73 11.75 -30.01 -24.49
CA LEU A 73 12.17 -28.90 -25.34
C LEU A 73 13.49 -28.33 -24.88
N PHE A 74 13.65 -28.17 -23.57
CA PHE A 74 14.88 -27.56 -23.05
C PHE A 74 16.10 -28.41 -23.41
N ASN A 75 16.01 -29.73 -23.25
CA ASN A 75 17.19 -30.56 -23.49
C ASN A 75 17.57 -30.55 -24.96
N GLN A 76 16.60 -30.40 -25.86
CA GLN A 76 16.91 -30.25 -27.28
C GLN A 76 17.72 -28.99 -27.53
N ASP A 77 17.31 -27.89 -26.92
CA ASP A 77 18.08 -26.66 -27.03
C ASP A 77 19.49 -26.83 -26.46
N VAL A 78 19.65 -27.63 -25.40
CA VAL A 78 20.98 -27.84 -24.84
C VAL A 78 21.84 -28.68 -25.78
N ASP A 79 21.24 -29.71 -26.39
CA ASP A 79 21.97 -30.52 -27.36
C ASP A 79 22.47 -29.66 -28.51
N ALA A 80 21.62 -28.76 -29.00
CA ALA A 80 22.01 -27.89 -30.11
C ALA A 80 23.14 -26.95 -29.70
N ALA A 81 23.03 -26.34 -28.52
CA ALA A 81 24.12 -25.52 -28.00
C ALA A 81 25.42 -26.32 -27.92
N VAL A 82 25.35 -27.55 -27.42
CA VAL A 82 26.56 -28.37 -27.27
C VAL A 82 27.15 -28.70 -28.64
N ARG A 83 26.31 -29.09 -29.61
CA ARG A 83 26.81 -29.35 -30.96
C ARG A 83 27.47 -28.11 -31.54
N GLY A 84 26.89 -26.93 -31.29
CA GLY A 84 27.55 -25.70 -31.70
C GLY A 84 28.89 -25.53 -31.03
N ILE A 85 28.94 -25.76 -29.72
CA ILE A 85 30.19 -25.61 -28.97
C ILE A 85 31.27 -26.54 -29.53
N LEU A 86 30.90 -27.74 -29.95
CA LEU A 86 31.88 -28.69 -30.44
C LEU A 86 32.38 -28.38 -31.85
N ARG A 87 31.61 -27.64 -32.65
CA ARG A 87 32.07 -27.22 -33.97
C ARG A 87 32.93 -25.96 -33.93
N ASN A 88 33.04 -25.32 -32.77
CA ASN A 88 33.76 -24.05 -32.63
C ASN A 88 35.09 -24.30 -31.95
N ALA A 89 36.18 -24.01 -32.66
CA ALA A 89 37.52 -24.29 -32.17
C ALA A 89 37.91 -23.45 -30.96
N LYS A 90 37.12 -22.41 -30.64
CA LYS A 90 37.39 -21.58 -29.47
C LYS A 90 36.74 -22.10 -28.21
N LEU A 91 35.66 -22.89 -28.34
CA LEU A 91 34.89 -23.36 -27.20
C LEU A 91 35.06 -24.84 -26.91
N LYS A 92 35.46 -25.63 -27.91
CA LYS A 92 35.57 -27.08 -27.69
C LYS A 92 36.68 -27.45 -26.72
N PRO A 93 37.91 -26.92 -26.82
CA PRO A 93 38.93 -27.29 -25.82
C PRO A 93 38.51 -27.01 -24.39
N VAL A 94 37.89 -25.86 -24.15
CA VAL A 94 37.44 -25.52 -22.79
C VAL A 94 36.32 -26.45 -22.36
N TYR A 95 35.33 -26.65 -23.24
CA TYR A 95 34.20 -27.51 -22.92
C TYR A 95 34.66 -28.93 -22.59
N ASP A 96 35.56 -29.48 -23.42
CA ASP A 96 35.98 -30.87 -23.24
C ASP A 96 36.65 -31.11 -21.90
N SER A 97 37.23 -30.08 -21.28
CA SER A 97 37.96 -30.25 -20.03
C SER A 97 37.12 -29.97 -18.79
N LEU A 98 35.93 -29.38 -18.94
CA LEU A 98 35.15 -28.97 -17.79
C LEU A 98 34.35 -30.13 -17.21
N ASP A 99 34.24 -30.16 -15.88
CA ASP A 99 33.32 -31.08 -15.23
C ASP A 99 31.88 -30.68 -15.57
N ALA A 100 30.94 -31.55 -15.18
CA ALA A 100 29.55 -31.38 -15.60
C ALA A 100 28.93 -30.10 -15.06
N VAL A 101 29.23 -29.74 -13.81
CA VAL A 101 28.63 -28.54 -13.23
C VAL A 101 29.14 -27.29 -13.92
N ARG A 102 30.46 -27.16 -14.07
CA ARG A 102 31.00 -26.00 -14.78
C ARG A 102 30.65 -26.04 -16.26
N ARG A 103 30.41 -27.23 -16.79
CA ARG A 103 29.95 -27.38 -18.15
C ARG A 103 28.56 -26.77 -18.33
N ALA A 104 27.74 -26.78 -17.28
CA ALA A 104 26.42 -26.14 -17.33
C ALA A 104 26.52 -24.63 -17.21
N ALA A 105 27.54 -24.11 -16.52
CA ALA A 105 27.72 -22.67 -16.45
C ALA A 105 28.05 -22.10 -17.83
N LEU A 106 28.92 -22.79 -18.58
CA LEU A 106 29.27 -22.34 -19.92
C LEU A 106 28.06 -22.38 -20.85
N ILE A 107 27.25 -23.44 -20.76
CA ILE A 107 26.02 -23.51 -21.56
C ILE A 107 25.07 -22.40 -21.15
N ASN A 108 25.06 -22.04 -19.87
CA ASN A 108 24.23 -20.93 -19.43
C ASN A 108 24.64 -19.64 -20.13
N MET A 109 25.94 -19.38 -20.21
CA MET A 109 26.42 -18.18 -20.91
C MET A 109 26.00 -18.20 -22.37
N VAL A 110 26.12 -19.35 -23.03
CA VAL A 110 25.76 -19.43 -24.44
C VAL A 110 24.27 -19.17 -24.64
N PHE A 111 23.44 -19.62 -23.69
CA PHE A 111 22.01 -19.30 -23.78
C PHE A 111 21.75 -17.82 -23.59
N GLN A 112 22.59 -17.12 -22.84
CA GLN A 112 22.36 -15.70 -22.58
C GLN A 112 22.92 -14.80 -23.68
N MET A 113 24.10 -15.15 -24.21
CA MET A 113 24.83 -14.28 -25.12
C MET A 113 25.07 -14.88 -26.49
N GLY A 114 24.92 -16.19 -26.66
CA GLY A 114 25.15 -16.82 -27.95
C GLY A 114 26.55 -17.42 -28.06
N GLU A 115 26.69 -18.37 -28.99
CA GLU A 115 27.97 -19.05 -29.19
C GLU A 115 29.07 -18.07 -29.57
N THR A 116 28.78 -17.16 -30.50
CA THR A 116 29.80 -16.18 -30.90
C THR A 116 30.20 -15.29 -29.74
N GLY A 117 29.21 -14.79 -28.98
CA GLY A 117 29.51 -13.91 -27.87
C GLY A 117 30.41 -14.56 -26.83
N VAL A 118 30.14 -15.82 -26.49
CA VAL A 118 30.91 -16.49 -25.46
C VAL A 118 32.32 -16.80 -25.95
N ALA A 119 32.49 -17.05 -27.25
CA ALA A 119 33.82 -17.37 -27.78
C ALA A 119 34.77 -16.19 -27.74
N GLY A 120 34.26 -14.97 -27.53
CA GLY A 120 35.11 -13.81 -27.38
C GLY A 120 35.79 -13.69 -26.04
N PHE A 121 35.41 -14.51 -25.06
CA PHE A 121 36.06 -14.53 -23.76
C PHE A 121 37.35 -15.35 -23.79
N THR A 122 38.25 -15.01 -24.71
CA THR A 122 39.42 -15.84 -24.97
C THR A 122 40.21 -16.14 -23.69
N ASN A 123 40.49 -15.11 -22.89
CA ASN A 123 41.39 -15.28 -21.76
C ASN A 123 40.72 -16.02 -20.60
N SER A 124 39.46 -15.67 -20.31
CA SER A 124 38.72 -16.40 -19.29
C SER A 124 38.57 -17.88 -19.66
N LEU A 125 38.29 -18.15 -20.94
CA LEU A 125 38.15 -19.53 -21.38
C LEU A 125 39.46 -20.29 -21.23
N ARG A 126 40.59 -19.65 -21.55
CA ARG A 126 41.88 -20.29 -21.34
C ARG A 126 42.11 -20.58 -19.86
N MET A 127 41.79 -19.62 -19.00
CA MET A 127 41.94 -19.82 -17.57
C MET A 127 41.08 -20.96 -17.06
N LEU A 128 39.83 -21.06 -17.55
CA LEU A 128 38.98 -22.18 -17.18
C LEU A 128 39.55 -23.50 -17.67
N GLN A 129 40.09 -23.52 -18.89
CA GLN A 129 40.65 -24.75 -19.43
C GLN A 129 41.79 -25.26 -18.58
N GLN A 130 42.58 -24.35 -18.00
CA GLN A 130 43.71 -24.69 -17.17
C GLN A 130 43.32 -24.91 -15.71
N LYS A 131 42.03 -24.82 -15.40
CA LYS A 131 41.47 -25.09 -14.07
C LYS A 131 41.94 -24.05 -13.04
N ARG A 132 42.07 -22.81 -13.50
CA ARG A 132 42.50 -21.69 -12.68
C ARG A 132 41.27 -20.91 -12.19
N TRP A 133 40.53 -21.55 -11.26
CA TRP A 133 39.15 -21.14 -11.01
C TRP A 133 39.08 -19.73 -10.44
N ASP A 134 39.87 -19.44 -9.40
CA ASP A 134 39.78 -18.12 -8.77
C ASP A 134 40.20 -17.01 -9.73
N GLU A 135 41.25 -17.25 -10.53
CA GLU A 135 41.68 -16.24 -11.48
C GLU A 135 40.66 -16.02 -12.59
N ALA A 136 40.01 -17.10 -13.04
CA ALA A 136 38.94 -16.96 -14.02
C ALA A 136 37.75 -16.21 -13.44
N ALA A 137 37.43 -16.47 -12.17
CA ALA A 137 36.32 -15.78 -11.53
C ALA A 137 36.58 -14.28 -11.41
N VAL A 138 37.84 -13.91 -11.11
CA VAL A 138 38.18 -12.49 -11.02
C VAL A 138 38.05 -11.82 -12.39
N ASN A 139 38.62 -12.43 -13.42
CA ASN A 139 38.58 -11.84 -14.76
C ASN A 139 37.14 -11.69 -15.24
N LEU A 140 36.32 -12.72 -15.03
CA LEU A 140 34.93 -12.66 -15.46
C LEU A 140 34.16 -11.57 -14.73
N ALA A 141 34.54 -11.27 -13.48
CA ALA A 141 33.87 -10.23 -12.73
C ALA A 141 34.14 -8.84 -13.29
N LYS A 142 35.15 -8.70 -14.14
CA LYS A 142 35.49 -7.44 -14.78
C LYS A 142 34.82 -7.28 -16.13
N SER A 143 34.02 -8.24 -16.55
CA SER A 143 33.48 -8.32 -17.90
C SER A 143 32.37 -7.30 -18.13
N ARG A 144 32.08 -7.05 -19.40
CA ARG A 144 30.87 -6.30 -19.74
C ARG A 144 29.64 -7.09 -19.35
N TRP A 145 29.71 -8.41 -19.47
CA TRP A 145 28.65 -9.30 -19.02
C TRP A 145 28.29 -9.06 -17.56
N TYR A 146 29.31 -8.99 -16.69
CA TYR A 146 29.05 -8.78 -15.27
C TYR A 146 28.38 -7.44 -15.02
N ASN A 147 28.85 -6.38 -15.68
CA ASN A 147 28.29 -5.06 -15.45
C ASN A 147 26.89 -4.94 -16.01
N GLN A 148 26.57 -5.68 -17.07
CA GLN A 148 25.24 -5.61 -17.64
C GLN A 148 24.23 -6.40 -16.81
N THR A 149 24.58 -7.61 -16.38
CA THR A 149 23.66 -8.52 -15.70
C THR A 149 24.34 -9.09 -14.45
N PRO A 150 24.56 -8.26 -13.42
CA PRO A 150 25.39 -8.69 -12.28
C PRO A 150 24.86 -9.91 -11.53
N ASN A 151 23.57 -9.96 -11.26
CA ASN A 151 23.01 -11.05 -10.45
C ASN A 151 23.15 -12.39 -11.17
N ARG A 152 22.72 -12.45 -12.43
CA ARG A 152 22.95 -13.63 -13.26
C ARG A 152 24.41 -14.03 -13.27
N ALA A 153 25.30 -13.06 -13.50
CA ALA A 153 26.72 -13.39 -13.63
C ALA A 153 27.34 -13.79 -12.30
N LYS A 154 26.89 -13.20 -11.18
CA LYS A 154 27.38 -13.66 -9.87
C LYS A 154 27.08 -15.14 -9.67
N ARG A 155 25.89 -15.59 -10.08
CA ARG A 155 25.54 -16.98 -9.90
C ARG A 155 26.35 -17.89 -10.83
N VAL A 156 26.54 -17.47 -12.08
CA VAL A 156 27.29 -18.29 -13.02
C VAL A 156 28.76 -18.34 -12.64
N ILE A 157 29.33 -17.20 -12.25
CA ILE A 157 30.75 -17.18 -11.87
C ILE A 157 31.00 -18.02 -10.63
N THR A 158 30.12 -17.92 -9.63
CA THR A 158 30.21 -18.81 -8.47
C THR A 158 30.22 -20.27 -8.89
N THR A 159 29.47 -20.60 -9.94
CA THR A 159 29.47 -21.99 -10.41
C THR A 159 30.80 -22.36 -11.04
N PHE A 160 31.39 -21.48 -11.87
CA PHE A 160 32.73 -21.76 -12.39
C PHE A 160 33.75 -21.89 -11.26
N ARG A 161 33.66 -21.01 -10.26
CA ARG A 161 34.71 -20.93 -9.25
C ARG A 161 34.68 -22.16 -8.32
N THR A 162 33.49 -22.62 -7.97
CA THR A 162 33.36 -23.67 -6.96
C THR A 162 33.02 -25.03 -7.54
N GLY A 163 32.49 -25.08 -8.76
CA GLY A 163 32.01 -26.34 -9.30
C GLY A 163 30.79 -26.90 -8.61
N THR A 164 30.06 -26.08 -7.85
CA THR A 164 28.90 -26.52 -7.10
C THR A 164 27.67 -25.75 -7.56
N TRP A 165 26.50 -26.11 -6.99
CA TRP A 165 25.26 -25.43 -7.27
C TRP A 165 24.89 -24.45 -6.16
N ASP A 166 25.89 -24.00 -5.41
CA ASP A 166 25.65 -23.21 -4.25
C ASP A 166 24.93 -21.93 -4.54
N ALA A 167 25.29 -21.26 -5.63
CA ALA A 167 24.67 -19.98 -5.95
C ALA A 167 23.19 -20.15 -6.23
N TYR A 168 22.80 -21.28 -6.80
CA TYR A 168 21.41 -21.55 -7.10
C TYR A 168 20.68 -22.15 -5.91
N ALA A 169 21.39 -22.88 -5.04
CA ALA A 169 20.80 -23.30 -3.77
C ALA A 169 20.52 -22.10 -2.88
N ALA A 170 21.42 -21.14 -2.85
CA ALA A 170 21.21 -19.95 -2.02
C ALA A 170 20.08 -19.10 -2.57
N SER A 171 19.98 -18.96 -3.89
CA SER A 171 18.91 -18.18 -4.47
C SER A 171 17.55 -18.78 -4.12
N GLN A 172 17.46 -20.11 -4.13
CA GLN A 172 16.17 -20.76 -3.88
C GLN A 172 15.79 -20.67 -2.40
N GLN A 173 16.77 -20.74 -1.50
CA GLN A 173 16.49 -20.50 -0.09
C GLN A 173 15.96 -19.09 0.13
N TRP A 174 16.59 -18.11 -0.52
CA TRP A 174 16.12 -16.73 -0.41
C TRP A 174 14.71 -16.60 -0.97
N THR A 175 14.44 -17.26 -2.08
CA THR A 175 13.13 -17.17 -2.72
C THR A 175 12.02 -17.64 -1.79
N ALA A 176 12.20 -18.81 -1.18
CA ALA A 176 11.20 -19.30 -0.24
C ALA A 176 11.12 -18.41 0.99
N GLY A 177 12.27 -17.89 1.45
CA GLY A 177 12.27 -17.04 2.63
C GLY A 177 11.45 -15.78 2.45
N MET A 178 11.69 -15.07 1.35
CA MET A 178 10.92 -13.86 1.09
C MET A 178 9.46 -14.16 0.81
N GLY A 179 9.18 -15.28 0.12
CA GLY A 179 7.80 -15.67 -0.10
C GLY A 179 7.02 -15.82 1.19
N LEU A 180 7.67 -16.36 2.24
CA LEU A 180 7.05 -16.40 3.55
C LEU A 180 6.76 -14.99 4.05
N LEU A 181 7.79 -14.13 4.09
CA LEU A 181 7.60 -12.77 4.56
C LEU A 181 6.58 -12.00 3.72
N MET A 182 6.55 -12.24 2.41
CA MET A 182 5.57 -11.56 1.56
C MET A 182 4.16 -12.00 1.90
N ALA A 183 3.94 -13.31 2.03
CA ALA A 183 2.61 -13.81 2.36
C ALA A 183 2.13 -13.26 3.70
N LEU A 184 3.04 -13.11 4.67
CA LEU A 184 2.66 -12.50 5.94
C LEU A 184 2.22 -11.06 5.72
N ILE A 185 3.00 -10.28 4.98
CA ILE A 185 2.64 -8.89 4.69
C ILE A 185 1.29 -8.84 3.99
N VAL A 186 1.05 -9.75 3.04
CA VAL A 186 -0.23 -9.75 2.34
C VAL A 186 -1.36 -10.07 3.30
N LEU A 187 -1.12 -10.96 4.27
CA LEU A 187 -2.17 -11.35 5.21
C LEU A 187 -2.57 -10.16 6.09
N LEU A 188 -1.58 -9.45 6.64
CA LEU A 188 -1.89 -8.33 7.53
C LEU A 188 -2.69 -7.25 6.80
N ILE A 189 -2.29 -6.91 5.58
CA ILE A 189 -3.01 -5.87 4.83
C ILE A 189 -4.45 -6.29 4.59
N VAL A 190 -4.65 -7.50 4.06
CA VAL A 190 -5.99 -7.93 3.69
C VAL A 190 -6.86 -8.10 4.93
N ALA A 191 -6.35 -8.80 5.95
CA ALA A 191 -7.15 -9.06 7.14
C ALA A 191 -7.55 -7.76 7.84
N GLY A 192 -6.57 -6.91 8.14
CA GLY A 192 -6.89 -5.67 8.83
C GLY A 192 -7.86 -4.79 8.08
N ASN A 193 -7.75 -4.75 6.76
CA ASN A 193 -8.62 -3.88 5.98
C ASN A 193 -9.99 -4.49 5.72
N VAL A 194 -10.05 -5.82 5.49
CA VAL A 194 -11.36 -6.44 5.35
C VAL A 194 -12.09 -6.43 6.68
N LEU A 195 -11.36 -6.42 7.80
CA LEU A 195 -11.99 -6.36 9.11
C LEU A 195 -12.64 -5.01 9.34
N VAL A 196 -12.01 -3.94 8.86
CA VAL A 196 -12.58 -2.59 9.01
C VAL A 196 -13.79 -2.43 8.12
N ILE A 197 -13.74 -2.96 6.89
CA ILE A 197 -14.84 -2.77 5.96
C ILE A 197 -16.11 -3.44 6.49
N VAL A 198 -16.00 -4.67 6.96
CA VAL A 198 -17.18 -5.38 7.43
C VAL A 198 -17.68 -4.79 8.74
N ALA A 199 -16.78 -4.26 9.57
CA ALA A 199 -17.20 -3.64 10.82
C ALA A 199 -18.11 -2.44 10.57
N ILE A 200 -17.81 -1.68 9.51
CA ILE A 200 -18.64 -0.52 9.19
C ILE A 200 -19.98 -0.97 8.61
N ALA A 201 -19.97 -2.01 7.77
CA ALA A 201 -21.19 -2.41 7.08
C ALA A 201 -22.17 -3.15 7.98
N LYS A 202 -21.70 -3.74 9.08
CA LYS A 202 -22.56 -4.50 9.99
C LYS A 202 -22.79 -3.78 11.32
N THR A 203 -22.47 -2.50 11.41
CA THR A 203 -22.70 -1.75 12.65
C THR A 203 -23.32 -0.39 12.35
N PRO A 204 -24.55 -0.14 12.80
CA PRO A 204 -25.16 1.18 12.58
C PRO A 204 -24.46 2.30 13.32
N ARG A 205 -23.84 2.01 14.47
CA ARG A 205 -23.14 3.06 15.22
C ARG A 205 -21.90 3.53 14.48
N LEU A 206 -21.23 2.65 13.75
CA LEU A 206 -20.02 3.01 13.02
C LEU A 206 -20.30 3.70 11.69
N GLN A 207 -21.53 3.67 11.19
CA GLN A 207 -21.82 4.28 9.91
C GLN A 207 -21.96 5.80 10.03
N THR A 208 -20.97 6.44 10.65
CA THR A 208 -20.95 7.89 10.75
C THR A 208 -20.46 8.46 9.42
N LEU A 209 -20.22 9.77 9.39
CA LEU A 209 -19.79 10.37 8.13
C LEU A 209 -18.27 10.37 8.02
N THR A 210 -17.57 10.57 9.15
CA THR A 210 -16.12 10.46 9.14
C THR A 210 -15.68 9.05 8.77
N ASN A 211 -16.34 8.03 9.32
CA ASN A 211 -15.99 6.65 9.01
C ASN A 211 -16.34 6.26 7.58
N LEU A 212 -17.16 7.05 6.88
CA LEU A 212 -17.35 6.82 5.45
C LEU A 212 -16.05 7.04 4.70
N PHE A 213 -15.28 8.05 5.11
CA PHE A 213 -13.96 8.27 4.53
C PHE A 213 -13.01 7.13 4.86
N ILE A 214 -13.10 6.61 6.10
CA ILE A 214 -12.22 5.51 6.49
C ILE A 214 -12.57 4.24 5.71
N MET A 215 -13.82 4.10 5.27
CA MET A 215 -14.12 2.98 4.39
C MET A 215 -13.43 3.13 3.05
N SER A 216 -13.32 4.36 2.54
CA SER A 216 -12.58 4.60 1.31
C SER A 216 -11.11 4.20 1.49
N LEU A 217 -10.49 4.63 2.58
CA LEU A 217 -9.12 4.24 2.87
C LEU A 217 -8.99 2.71 2.94
N ALA A 218 -9.89 2.06 3.68
CA ALA A 218 -9.81 0.61 3.83
C ALA A 218 -10.01 -0.10 2.50
N SER A 219 -10.78 0.48 1.59
CA SER A 219 -10.98 -0.14 0.29
C SER A 219 -9.78 0.08 -0.62
N ALA A 220 -9.23 1.30 -0.64
CA ALA A 220 -8.01 1.54 -1.39
C ALA A 220 -6.86 0.68 -0.87
N ASP A 221 -6.84 0.42 0.43
CA ASP A 221 -5.83 -0.48 0.99
C ASP A 221 -6.17 -1.94 0.80
N LEU A 222 -7.45 -2.28 0.59
CA LEU A 222 -7.79 -3.68 0.37
C LEU A 222 -7.35 -4.14 -1.02
N VAL A 223 -7.60 -3.33 -2.05
CA VAL A 223 -7.12 -3.66 -3.39
C VAL A 223 -5.60 -3.67 -3.40
N MET A 224 -4.97 -2.92 -2.52
CA MET A 224 -3.56 -2.97 -2.50
C MET A 224 -3.09 -4.32 -2.12
N GLY A 225 -3.66 -4.88 -1.09
CA GLY A 225 -3.23 -6.19 -0.63
C GLY A 225 -3.77 -7.37 -1.43
N LEU A 226 -4.77 -7.14 -2.28
CA LEU A 226 -5.32 -8.20 -3.12
C LEU A 226 -4.72 -8.25 -4.51
N LEU A 227 -4.32 -7.11 -5.05
CA LEU A 227 -3.82 -7.05 -6.42
C LEU A 227 -2.42 -6.47 -6.54
N VAL A 228 -2.10 -5.43 -5.77
CA VAL A 228 -0.84 -4.73 -5.97
C VAL A 228 0.29 -5.45 -5.24
N VAL A 229 0.16 -5.62 -3.93
CA VAL A 229 1.24 -6.25 -3.15
C VAL A 229 1.49 -7.68 -3.56
N PRO A 230 0.49 -8.54 -3.82
CA PRO A 230 0.81 -9.92 -4.21
C PRO A 230 1.61 -10.03 -5.49
N PHE A 231 1.20 -9.32 -6.55
CA PHE A 231 1.95 -9.38 -7.80
C PHE A 231 3.28 -8.65 -7.70
N GLY A 232 3.36 -7.59 -6.89
CA GLY A 232 4.63 -6.97 -6.63
C GLY A 232 5.60 -7.89 -5.90
N ALA A 233 5.06 -8.88 -5.17
CA ALA A 233 5.92 -9.85 -4.49
C ALA A 233 6.50 -10.85 -5.47
N THR A 234 5.83 -11.09 -6.60
CA THR A 234 6.35 -12.03 -7.58
C THR A 234 7.65 -11.52 -8.20
N ILE A 235 7.78 -10.21 -8.38
CA ILE A 235 9.01 -9.66 -8.95
C ILE A 235 10.16 -9.79 -7.96
N VAL A 236 9.88 -9.74 -6.66
CA VAL A 236 10.94 -9.81 -5.67
C VAL A 236 11.45 -11.24 -5.49
N VAL A 237 10.55 -12.21 -5.44
CA VAL A 237 10.96 -13.58 -5.18
C VAL A 237 11.43 -14.31 -6.43
N TRP A 238 11.01 -13.87 -7.61
CA TRP A 238 11.37 -14.54 -8.85
C TRP A 238 12.28 -13.70 -9.74
N GLY A 239 12.52 -12.44 -9.38
CA GLY A 239 13.40 -11.57 -10.16
C GLY A 239 12.85 -11.11 -11.48
N ARG A 240 11.61 -11.45 -11.83
CA ARG A 240 11.05 -11.13 -13.13
C ARG A 240 9.55 -10.91 -12.99
N TRP A 241 8.99 -10.23 -13.98
CA TRP A 241 7.55 -10.20 -14.18
C TRP A 241 7.14 -11.40 -15.02
N GLU A 242 6.14 -12.15 -14.54
CA GLU A 242 5.79 -13.41 -15.16
C GLU A 242 4.40 -13.40 -15.80
N TYR A 243 3.85 -12.22 -16.13
CA TYR A 243 2.45 -12.16 -16.52
C TYR A 243 2.21 -11.34 -17.78
N GLY A 244 3.26 -11.10 -18.57
CA GLY A 244 3.10 -10.46 -19.87
C GLY A 244 3.04 -8.95 -19.79
N SER A 245 3.22 -8.32 -20.95
CA SER A 245 3.31 -6.86 -21.02
C SER A 245 1.99 -6.20 -20.66
N PHE A 246 0.87 -6.78 -21.08
CA PHE A 246 -0.43 -6.13 -20.86
C PHE A 246 -0.73 -6.04 -19.37
N PHE A 247 -0.59 -7.14 -18.63
CA PHE A 247 -0.85 -7.11 -17.20
C PHE A 247 0.17 -6.27 -16.44
N CYS A 248 1.36 -6.05 -17.00
CA CYS A 248 2.29 -5.12 -16.37
C CYS A 248 1.73 -3.70 -16.40
N GLU A 249 1.10 -3.31 -17.50
CA GLU A 249 0.49 -1.99 -17.55
C GLU A 249 -0.68 -1.87 -16.59
N LEU A 250 -1.53 -2.90 -16.53
CA LEU A 250 -2.67 -2.85 -15.62
C LEU A 250 -2.22 -2.86 -14.17
N TRP A 251 -1.35 -3.81 -13.80
CA TRP A 251 -0.83 -3.86 -12.44
C TRP A 251 -0.21 -2.53 -12.04
N THR A 252 0.54 -1.91 -12.94
CA THR A 252 1.14 -0.61 -12.64
C THR A 252 0.07 0.45 -12.42
N SER A 253 -1.02 0.37 -13.19
CA SER A 253 -2.10 1.33 -13.05
C SER A 253 -2.87 1.14 -11.75
N VAL A 254 -3.26 -0.11 -11.46
CA VAL A 254 -3.91 -0.41 -10.18
C VAL A 254 -3.02 0.00 -9.02
N ASP A 255 -1.70 -0.17 -9.19
CA ASP A 255 -0.76 0.31 -8.19
C ASP A 255 -0.91 1.81 -7.96
N VAL A 256 -0.75 2.61 -9.02
CA VAL A 256 -0.84 4.05 -8.87
C VAL A 256 -2.26 4.48 -8.49
N LEU A 257 -3.28 3.75 -8.98
CA LEU A 257 -4.66 4.01 -8.59
C LEU A 257 -4.83 3.96 -7.08
N CYS A 258 -4.49 2.83 -6.46
CA CYS A 258 -4.74 2.63 -5.05
C CYS A 258 -3.84 3.50 -4.18
N VAL A 259 -2.59 3.70 -4.59
CA VAL A 259 -1.70 4.57 -3.82
C VAL A 259 -2.23 6.00 -3.82
N THR A 260 -2.73 6.47 -4.97
CA THR A 260 -3.29 7.81 -5.03
C THR A 260 -4.57 7.91 -4.20
N ALA A 261 -5.48 6.95 -4.36
CA ALA A 261 -6.72 6.99 -3.59
C ALA A 261 -6.44 6.90 -2.10
N SER A 262 -5.50 6.07 -1.69
CA SER A 262 -5.26 5.84 -0.27
C SER A 262 -4.69 7.08 0.40
N ILE A 263 -3.70 7.72 -0.23
CA ILE A 263 -3.05 8.87 0.39
C ILE A 263 -3.97 10.10 0.37
N GLU A 264 -4.66 10.31 -0.75
CA GLU A 264 -5.60 11.43 -0.79
C GLU A 264 -6.76 11.23 0.18
N THR A 265 -7.13 9.99 0.47
CA THR A 265 -8.14 9.73 1.50
C THR A 265 -7.62 10.09 2.88
N LEU A 266 -6.35 9.76 3.16
CA LEU A 266 -5.72 10.27 4.38
C LEU A 266 -5.76 11.78 4.42
N CYS A 267 -5.67 12.43 3.26
CA CYS A 267 -5.75 13.89 3.20
C CYS A 267 -7.16 14.37 3.50
N VAL A 268 -8.17 13.67 2.98
CA VAL A 268 -9.56 14.05 3.25
C VAL A 268 -9.89 13.84 4.72
N ILE A 269 -9.48 12.70 5.27
CA ILE A 269 -9.69 12.44 6.70
C ILE A 269 -9.01 13.51 7.54
N ALA A 270 -7.82 13.93 7.16
CA ALA A 270 -7.14 15.00 7.88
C ALA A 270 -7.95 16.28 7.84
N LEU A 271 -8.53 16.62 6.68
CA LEU A 271 -9.40 17.78 6.60
C LEU A 271 -10.67 17.59 7.41
N ASP A 272 -11.30 16.41 7.28
CA ASP A 272 -12.55 16.13 7.98
C ASP A 272 -12.44 16.42 9.46
N ARG A 273 -11.44 15.84 10.12
CA ARG A 273 -11.33 16.02 11.56
C ARG A 273 -11.05 17.48 11.91
N TYR A 274 -10.25 18.17 11.09
CA TYR A 274 -9.97 19.58 11.34
C TYR A 274 -11.26 20.38 11.46
N LEU A 275 -12.21 20.12 10.57
CA LEU A 275 -13.48 20.84 10.63
C LEU A 275 -14.29 20.45 11.86
N ALA A 276 -14.31 19.16 12.19
CA ALA A 276 -15.12 18.70 13.32
C ALA A 276 -14.50 19.09 14.65
N ILE A 277 -13.17 19.19 14.73
CA ILE A 277 -12.51 19.50 15.98
C ILE A 277 -12.45 21.02 16.23
N THR A 278 -12.43 21.82 15.17
CA THR A 278 -12.34 23.28 15.29
C THR A 278 -13.69 23.98 15.18
N SER A 279 -14.44 23.72 14.10
CA SER A 279 -15.76 24.31 13.89
C SER A 279 -16.78 23.19 13.76
N PRO A 280 -17.08 22.50 14.86
CA PRO A 280 -17.93 21.29 14.76
C PRO A 280 -19.36 21.57 14.33
N PHE A 281 -19.85 22.80 14.53
CA PHE A 281 -21.25 23.09 14.26
C PHE A 281 -21.47 23.47 12.80
N ARG A 282 -20.56 24.26 12.22
CA ARG A 282 -20.57 24.46 10.78
C ARG A 282 -20.18 23.17 10.05
N TYR A 283 -19.37 22.33 10.69
CA TYR A 283 -19.05 21.01 10.15
C TYR A 283 -20.31 20.17 9.96
N GLN A 284 -21.09 19.98 11.04
CA GLN A 284 -22.25 19.12 10.99
C GLN A 284 -23.30 19.59 9.99
N SER A 285 -23.32 20.88 9.67
CA SER A 285 -24.32 21.44 8.77
C SER A 285 -23.87 21.47 7.32
N LEU A 286 -22.60 21.77 7.06
CA LEU A 286 -22.15 21.95 5.68
C LEU A 286 -21.77 20.63 5.02
N LEU A 287 -21.16 19.71 5.77
CA LEU A 287 -20.75 18.42 5.21
C LEU A 287 -21.96 17.48 5.27
N THR A 288 -22.67 17.37 4.15
CA THR A 288 -23.87 16.55 4.08
C THR A 288 -23.50 15.11 3.71
N ARG A 289 -24.53 14.28 3.54
CA ARG A 289 -24.30 12.90 3.10
C ARG A 289 -23.69 12.87 1.70
N ALA A 290 -24.34 13.55 0.74
CA ALA A 290 -23.87 13.52 -0.64
C ALA A 290 -22.53 14.21 -0.81
N ARG A 291 -22.24 15.23 0.01
CA ARG A 291 -20.94 15.89 -0.08
C ARG A 291 -19.82 14.94 0.31
N ALA A 292 -20.05 14.11 1.32
CA ALA A 292 -19.05 13.12 1.70
C ALA A 292 -18.84 12.10 0.59
N ARG A 293 -19.92 11.63 -0.03
CA ARG A 293 -19.78 10.79 -1.21
C ARG A 293 -19.26 11.58 -2.41
N GLY A 294 -19.33 12.91 -2.37
CA GLY A 294 -18.76 13.70 -3.45
C GLY A 294 -17.25 13.70 -3.42
N LEU A 295 -16.66 13.77 -2.23
CA LEU A 295 -15.20 13.76 -2.12
C LEU A 295 -14.63 12.41 -2.53
N VAL A 296 -15.20 11.31 -2.03
CA VAL A 296 -14.63 10.00 -2.33
C VAL A 296 -14.66 9.73 -3.82
N CYS A 297 -15.76 10.10 -4.49
CA CYS A 297 -15.82 9.92 -5.93
C CYS A 297 -14.80 10.80 -6.64
N THR A 298 -14.59 12.01 -6.13
CA THR A 298 -13.56 12.87 -6.70
C THR A 298 -12.17 12.26 -6.51
N VAL A 299 -11.90 11.70 -5.34
CA VAL A 299 -10.59 11.10 -5.08
C VAL A 299 -10.33 9.96 -6.06
N TRP A 300 -11.29 9.06 -6.20
CA TRP A 300 -11.10 7.91 -7.10
C TRP A 300 -11.05 8.34 -8.56
N ALA A 301 -11.85 9.34 -8.94
CA ALA A 301 -11.80 9.83 -10.32
C ALA A 301 -10.43 10.43 -10.63
N ILE A 302 -9.87 11.23 -9.70
CA ILE A 302 -8.51 11.72 -9.87
C ILE A 302 -7.53 10.57 -9.96
N SER A 303 -7.72 9.55 -9.11
CA SER A 303 -6.78 8.42 -9.08
C SER A 303 -6.79 7.66 -10.40
N ALA A 304 -7.97 7.47 -11.00
CA ALA A 304 -8.02 6.80 -12.29
C ALA A 304 -7.37 7.65 -13.38
N LEU A 305 -7.56 8.97 -13.33
CA LEU A 305 -7.02 9.84 -14.36
C LEU A 305 -5.50 9.91 -14.31
N VAL A 306 -4.89 9.77 -13.14
CA VAL A 306 -3.44 9.80 -13.04
C VAL A 306 -2.80 8.42 -13.21
N SER A 307 -3.59 7.36 -13.25
CA SER A 307 -3.05 6.01 -13.34
C SER A 307 -3.39 5.33 -14.65
N PHE A 308 -4.68 5.12 -14.94
CA PHE A 308 -5.03 4.37 -16.13
C PHE A 308 -4.87 5.21 -17.39
N LEU A 309 -5.26 6.47 -17.33
CA LEU A 309 -5.14 7.33 -18.51
C LEU A 309 -3.71 7.47 -18.99
N PRO A 310 -2.76 7.97 -18.17
CA PRO A 310 -1.41 8.21 -18.72
C PRO A 310 -0.63 6.93 -18.98
N ILE A 311 -0.77 5.91 -18.13
CA ILE A 311 0.02 4.71 -18.30
C ILE A 311 -0.42 3.94 -19.54
N LEU A 312 -1.73 3.77 -19.72
CA LEU A 312 -2.20 3.04 -20.88
C LEU A 312 -2.05 3.83 -22.17
N MET A 313 -2.08 5.16 -22.09
CA MET A 313 -1.80 6.00 -23.24
C MET A 313 -0.30 6.16 -23.48
N HIS A 314 0.54 5.46 -22.73
CA HIS A 314 2.00 5.46 -22.90
C HIS A 314 2.61 6.84 -22.71
N TRP A 315 1.89 7.75 -22.05
CA TRP A 315 2.45 9.06 -21.75
C TRP A 315 3.55 8.97 -20.69
N TRP A 316 3.56 7.90 -19.90
CA TRP A 316 4.50 7.77 -18.79
C TRP A 316 5.84 7.21 -19.23
N ARG A 317 5.99 6.84 -20.50
CA ARG A 317 7.17 6.15 -20.99
C ARG A 317 8.35 7.10 -21.15
N ALA A 318 9.48 6.71 -20.57
CA ALA A 318 10.75 7.37 -20.84
C ALA A 318 11.31 6.88 -22.18
N GLU A 319 12.35 7.56 -22.67
CA GLU A 319 12.84 7.30 -24.01
C GLU A 319 14.34 6.98 -24.03
N SER A 320 14.86 6.41 -22.95
CA SER A 320 16.24 5.96 -22.93
C SER A 320 16.32 4.50 -23.40
N ASP A 321 17.56 4.03 -23.62
CA ASP A 321 17.73 2.62 -23.94
C ASP A 321 17.27 1.74 -22.78
N GLU A 322 17.58 2.15 -21.55
CA GLU A 322 17.20 1.38 -20.37
C GLU A 322 15.69 1.25 -20.26
N ALA A 323 14.96 2.32 -20.57
CA ALA A 323 13.51 2.29 -20.45
C ALA A 323 12.88 1.51 -21.60
N ARG A 324 13.33 1.77 -22.83
CA ARG A 324 12.77 1.07 -23.98
C ARG A 324 13.06 -0.43 -23.92
N ARG A 325 14.18 -0.81 -23.31
CA ARG A 325 14.48 -2.23 -23.15
C ARG A 325 13.47 -2.88 -22.23
N CYS A 326 13.13 -2.22 -21.12
CA CYS A 326 12.16 -2.78 -20.18
C CYS A 326 10.76 -2.83 -20.78
N TYR A 327 10.43 -1.87 -21.65
CA TYR A 327 9.11 -1.83 -22.25
C TYR A 327 8.93 -2.97 -23.26
N ASN A 328 9.96 -3.26 -24.06
CA ASN A 328 9.88 -4.33 -25.03
C ASN A 328 9.98 -5.71 -24.39
N ASP A 329 10.53 -5.80 -23.17
CA ASP A 329 10.73 -7.09 -22.50
C ASP A 329 9.52 -7.38 -21.62
N PRO A 330 8.66 -8.35 -21.98
CA PRO A 330 7.52 -8.67 -21.11
C PRO A 330 7.94 -9.10 -19.72
N LYS A 331 9.13 -9.69 -19.57
CA LYS A 331 9.61 -10.13 -18.27
C LYS A 331 10.07 -8.98 -17.39
N CYS A 332 10.15 -7.75 -17.91
CA CYS A 332 10.53 -6.58 -17.12
C CYS A 332 9.29 -5.74 -16.83
N CYS A 333 9.08 -5.43 -15.56
CA CYS A 333 7.97 -4.56 -15.16
C CYS A 333 8.46 -3.52 -14.16
N ASP A 334 9.69 -3.04 -14.35
CA ASP A 334 10.24 -1.99 -13.50
C ASP A 334 9.45 -0.70 -13.67
N PHE A 335 9.40 0.10 -12.61
CA PHE A 335 8.72 1.39 -12.67
C PHE A 335 9.72 2.41 -13.20
N VAL A 336 9.75 2.55 -14.52
CA VAL A 336 10.64 3.47 -15.20
C VAL A 336 9.76 4.47 -15.93
N THR A 337 9.81 5.73 -15.52
CA THR A 337 8.93 6.75 -16.06
C THR A 337 9.74 7.98 -16.46
N ASN A 338 9.11 8.84 -17.25
CA ASN A 338 9.74 10.09 -17.66
C ASN A 338 9.60 11.13 -16.54
N ARG A 339 10.23 12.29 -16.77
CA ARG A 339 10.30 13.30 -15.71
C ARG A 339 8.94 13.91 -15.41
N ALA A 340 8.15 14.19 -16.46
CA ALA A 340 6.88 14.86 -16.27
C ALA A 340 5.93 14.02 -15.43
N TYR A 341 5.76 12.75 -15.81
CA TYR A 341 4.84 11.88 -15.06
C TYR A 341 5.38 11.62 -13.67
N ALA A 342 6.69 11.47 -13.51
CA ALA A 342 7.26 11.23 -12.19
C ALA A 342 6.96 12.38 -11.24
N ILE A 343 6.97 13.61 -11.74
CA ILE A 343 6.65 14.76 -10.89
C ILE A 343 5.14 14.92 -10.74
N ALA A 344 4.42 14.89 -11.87
CA ALA A 344 2.97 15.10 -11.82
C ALA A 344 2.28 14.04 -10.98
N SER A 345 2.70 12.78 -11.10
CA SER A 345 2.09 11.73 -10.29
C SER A 345 2.47 11.89 -8.82
N SER A 346 3.73 12.26 -8.55
CA SER A 346 4.15 12.44 -7.17
C SER A 346 3.41 13.60 -6.50
N VAL A 347 3.19 14.69 -7.24
CA VAL A 347 2.47 15.83 -6.67
C VAL A 347 1.03 15.45 -6.36
N VAL A 348 0.35 14.81 -7.33
CA VAL A 348 -1.07 14.50 -7.14
C VAL A 348 -1.25 13.37 -6.14
N SER A 349 -0.29 12.45 -6.04
CA SER A 349 -0.42 11.33 -5.12
C SER A 349 0.11 11.63 -3.72
N PHE A 350 1.23 12.34 -3.62
CA PHE A 350 1.90 12.48 -2.33
C PHE A 350 2.08 13.91 -1.86
N TYR A 351 2.62 14.79 -2.70
CA TYR A 351 3.11 16.06 -2.18
C TYR A 351 1.98 17.01 -1.79
N VAL A 352 0.94 17.13 -2.61
CA VAL A 352 -0.24 17.90 -2.21
C VAL A 352 -0.91 17.32 -0.97
N PRO A 353 -1.21 16.01 -0.90
CA PRO A 353 -1.76 15.48 0.36
C PRO A 353 -0.83 15.65 1.55
N LEU A 354 0.48 15.61 1.35
CA LEU A 354 1.40 15.84 2.46
C LEU A 354 1.28 17.25 3.00
N CYS A 355 1.23 18.24 2.10
CA CYS A 355 1.19 19.63 2.54
C CYS A 355 -0.11 19.96 3.26
N ILE A 356 -1.23 19.40 2.79
CA ILE A 356 -2.50 19.62 3.48
C ILE A 356 -2.48 18.97 4.85
N MET A 357 -2.09 17.70 4.92
CA MET A 357 -2.06 17.00 6.20
C MET A 357 -1.08 17.65 7.17
N ALA A 358 0.08 18.10 6.66
CA ALA A 358 1.04 18.76 7.54
C ALA A 358 0.50 20.09 8.04
N PHE A 359 -0.14 20.87 7.18
CA PHE A 359 -0.66 22.17 7.58
C PHE A 359 -1.86 22.02 8.51
N VAL A 360 -2.76 21.10 8.19
CA VAL A 360 -3.96 20.89 9.02
C VAL A 360 -3.57 20.45 10.43
N TYR A 361 -2.82 19.35 10.53
CA TYR A 361 -2.47 18.82 11.85
C TYR A 361 -1.54 19.75 12.62
N LEU A 362 -0.83 20.65 11.94
CA LEU A 362 -0.04 21.64 12.67
C LEU A 362 -0.95 22.71 13.29
N ARG A 363 -2.04 23.05 12.61
CA ARG A 363 -2.95 24.07 13.14
C ARG A 363 -3.82 23.53 14.27
N VAL A 364 -4.16 22.23 14.23
CA VAL A 364 -4.81 21.60 15.38
C VAL A 364 -3.92 21.69 16.61
N PHE A 365 -2.60 21.56 16.41
CA PHE A 365 -1.66 21.78 17.50
C PHE A 365 -1.62 23.24 17.93
N ARG A 366 -1.84 24.16 16.99
CA ARG A 366 -1.74 25.58 17.31
C ARG A 366 -2.95 26.04 18.14
N GLU A 367 -4.16 25.77 17.65
CA GLU A 367 -5.36 26.20 18.36
C GLU A 367 -5.61 25.40 19.63
N ALA A 368 -4.89 24.30 19.85
CA ALA A 368 -4.98 23.59 21.12
C ALA A 368 -4.17 24.28 22.22
N GLN A 369 -3.05 24.91 21.85
CA GLN A 369 -2.24 25.60 22.83
C GLN A 369 -2.73 27.03 23.09
N LYS A 370 -3.52 27.58 22.19
CA LYS A 370 -4.08 28.92 22.40
C LYS A 370 -5.18 28.89 23.45
N GLN A 371 -6.10 27.94 23.34
CA GLN A 371 -7.24 27.83 24.26
C GLN A 371 -6.94 26.82 25.38
N VAL A 372 -5.87 27.09 26.12
CA VAL A 372 -5.47 26.24 27.23
C VAL A 372 -5.92 26.83 28.56
N ALA A 433 0.82 19.50 34.68
CA ALA A 433 0.33 18.38 33.89
C ALA A 433 -0.85 18.79 33.03
N LEU A 434 -1.00 18.15 31.87
CA LEU A 434 -2.07 18.47 30.94
C LEU A 434 -2.19 17.33 29.93
N ARG A 435 -3.41 17.15 29.40
CA ARG A 435 -3.67 16.10 28.41
C ARG A 435 -3.08 16.42 27.04
N GLU A 436 -2.51 17.63 26.85
CA GLU A 436 -1.89 17.97 25.59
C GLU A 436 -0.83 16.96 25.16
N GLN A 437 -0.30 16.16 26.10
CA GLN A 437 0.72 15.18 25.75
C GLN A 437 0.12 13.98 25.03
N LYS A 438 -1.03 13.48 25.48
CA LYS A 438 -1.64 12.31 24.85
C LYS A 438 -2.12 12.62 23.44
N ALA A 439 -2.54 13.86 23.17
CA ALA A 439 -2.96 14.22 21.83
C ALA A 439 -1.77 14.51 20.91
N LEU A 440 -0.64 14.95 21.48
CA LEU A 440 0.53 15.23 20.66
C LEU A 440 1.18 13.95 20.17
N LYS A 441 1.30 12.94 21.03
CA LYS A 441 1.80 11.64 20.60
C LYS A 441 0.91 11.02 19.55
N THR A 442 -0.40 11.31 19.59
CA THR A 442 -1.30 10.80 18.56
C THR A 442 -1.01 11.44 17.21
N LEU A 443 -0.85 12.76 17.19
CA LEU A 443 -0.48 13.44 15.95
C LEU A 443 0.89 12.96 15.47
N GLY A 444 1.80 12.68 16.41
CA GLY A 444 3.12 12.21 16.03
C GLY A 444 3.10 10.90 15.26
N ILE A 445 2.11 10.05 15.54
CA ILE A 445 2.00 8.79 14.82
C ILE A 445 1.31 8.99 13.47
N ILE A 446 0.25 9.79 13.44
CA ILE A 446 -0.51 9.97 12.21
C ILE A 446 0.38 10.54 11.11
N MET A 447 1.24 11.49 11.45
CA MET A 447 2.17 12.05 10.48
C MET A 447 3.48 11.28 10.42
N GLY A 448 3.96 10.79 11.55
CA GLY A 448 5.23 10.06 11.55
C GLY A 448 5.16 8.80 10.71
N VAL A 449 4.15 7.96 10.95
CA VAL A 449 4.03 6.72 10.20
C VAL A 449 3.78 7.01 8.72
N PHE A 450 2.90 7.97 8.42
CA PHE A 450 2.65 8.33 7.04
C PHE A 450 3.91 8.82 6.33
N THR A 451 4.58 9.82 6.90
CA THR A 451 5.79 10.35 6.29
C THR A 451 6.86 9.27 6.17
N LEU A 452 7.13 8.54 7.25
CA LEU A 452 8.19 7.55 7.23
C LEU A 452 7.98 6.49 6.15
N CYS A 453 6.72 6.16 5.84
CA CYS A 453 6.46 5.09 4.88
C CYS A 453 6.58 5.55 3.44
N TRP A 454 6.10 6.76 3.11
CA TRP A 454 6.08 7.21 1.72
C TRP A 454 7.09 8.28 1.38
N LEU A 455 7.59 9.05 2.35
CA LEU A 455 8.56 10.09 2.01
C LEU A 455 9.81 9.54 1.35
N PRO A 456 10.44 8.46 1.84
CA PRO A 456 11.64 7.97 1.13
C PRO A 456 11.37 7.61 -0.32
N PHE A 457 10.23 7.00 -0.62
CA PHE A 457 9.93 6.62 -2.00
C PHE A 457 9.75 7.84 -2.89
N PHE A 458 8.88 8.76 -2.51
CA PHE A 458 8.58 9.88 -3.39
C PHE A 458 9.70 10.90 -3.48
N LEU A 459 10.69 10.84 -2.58
CA LEU A 459 11.93 11.55 -2.84
C LEU A 459 12.74 10.84 -3.91
N ALA A 460 12.90 9.52 -3.77
CA ALA A 460 13.62 8.75 -4.78
C ALA A 460 12.89 8.75 -6.12
N ASN A 461 11.56 8.78 -6.10
CA ASN A 461 10.81 8.75 -7.35
C ASN A 461 11.12 9.98 -8.21
N VAL A 462 11.19 11.16 -7.57
CA VAL A 462 11.47 12.38 -8.33
C VAL A 462 12.95 12.44 -8.71
N VAL A 463 13.83 12.10 -7.79
CA VAL A 463 15.27 12.16 -8.06
C VAL A 463 15.65 11.19 -9.18
N LYS A 464 15.27 9.93 -9.03
CA LYS A 464 15.67 8.91 -9.99
C LYS A 464 15.24 9.27 -11.41
N ALA A 465 14.13 9.96 -11.57
CA ALA A 465 13.69 10.36 -12.91
C ALA A 465 14.68 11.33 -13.55
N PHE A 466 15.33 12.18 -12.75
CA PHE A 466 16.29 13.11 -13.33
C PHE A 466 17.69 12.51 -13.41
N HIS A 467 18.11 11.81 -12.37
CA HIS A 467 19.45 11.22 -12.27
C HIS A 467 19.30 9.72 -12.04
N ARG A 468 19.23 8.96 -13.14
CA ARG A 468 18.92 7.55 -13.06
C ARG A 468 19.95 6.75 -12.26
N GLU A 469 21.17 7.27 -12.13
CA GLU A 469 22.26 6.53 -11.50
C GLU A 469 22.33 6.72 -9.99
N LEU A 470 21.61 7.70 -9.43
CA LEU A 470 21.73 7.97 -8.00
C LEU A 470 20.89 7.01 -7.16
N VAL A 471 19.72 6.59 -7.65
CA VAL A 471 18.85 5.74 -6.86
C VAL A 471 19.00 4.30 -7.37
N PRO A 472 19.71 3.43 -6.65
CA PRO A 472 19.79 2.03 -7.05
C PRO A 472 18.41 1.39 -7.12
N ASP A 473 18.22 0.53 -8.13
CA ASP A 473 16.94 -0.16 -8.29
C ASP A 473 16.57 -0.94 -7.04
N ARG A 474 17.57 -1.55 -6.38
CA ARG A 474 17.31 -2.27 -5.14
C ARG A 474 16.74 -1.34 -4.08
N LEU A 475 17.39 -0.20 -3.87
CA LEU A 475 16.91 0.77 -2.89
C LEU A 475 15.57 1.35 -3.30
N PHE A 476 15.36 1.55 -4.61
CA PHE A 476 14.11 2.12 -5.09
C PHE A 476 12.94 1.19 -4.81
N VAL A 477 13.12 -0.12 -5.05
CA VAL A 477 12.06 -1.08 -4.75
C VAL A 477 11.79 -1.14 -3.25
N PHE A 478 12.83 -1.04 -2.43
CA PHE A 478 12.65 -1.11 -0.99
C PHE A 478 11.81 0.06 -0.47
N PHE A 479 12.12 1.28 -0.93
CA PHE A 479 11.32 2.44 -0.52
C PHE A 479 9.86 2.26 -0.93
N ASN A 480 9.61 1.61 -2.06
CA ASN A 480 8.24 1.40 -2.51
C ASN A 480 7.52 0.41 -1.61
N TRP A 481 8.24 -0.52 -0.99
CA TRP A 481 7.63 -1.46 -0.06
C TRP A 481 7.37 -0.85 1.31
N LEU A 482 8.16 0.15 1.72
CA LEU A 482 7.79 0.93 2.90
C LEU A 482 6.42 1.57 2.70
N GLY A 483 6.18 2.10 1.50
CA GLY A 483 4.86 2.65 1.20
C GLY A 483 3.77 1.59 1.18
N TYR A 484 4.07 0.42 0.59
CA TYR A 484 3.13 -0.69 0.63
C TYR A 484 2.75 -1.04 2.06
N ALA A 485 3.68 -0.86 3.00
CA ALA A 485 3.45 -1.22 4.39
C ALA A 485 2.48 -0.27 5.09
N ASN A 486 2.27 0.93 4.54
CA ASN A 486 1.31 1.84 5.14
C ASN A 486 -0.11 1.29 5.07
N SER A 487 -0.42 0.51 4.03
CA SER A 487 -1.77 -0.05 3.89
C SER A 487 -2.12 -1.00 5.03
N ALA A 488 -1.12 -1.57 5.69
CA ALA A 488 -1.34 -2.38 6.89
C ALA A 488 -1.42 -1.52 8.15
N PHE A 489 -0.73 -0.39 8.16
CA PHE A 489 -0.69 0.46 9.35
C PHE A 489 -1.95 1.31 9.51
N ASN A 490 -2.59 1.67 8.39
CA ASN A 490 -3.74 2.57 8.46
C ASN A 490 -4.88 2.04 9.32
N PRO A 491 -5.35 0.80 9.18
CA PRO A 491 -6.41 0.33 10.08
C PRO A 491 -6.02 0.32 11.54
N ILE A 492 -4.72 0.22 11.84
CA ILE A 492 -4.28 0.31 13.23
C ILE A 492 -4.36 1.74 13.74
N ILE A 493 -4.12 2.72 12.87
CA ILE A 493 -4.01 4.11 13.29
C ILE A 493 -5.38 4.79 13.35
N TYR A 494 -6.23 4.56 12.35
CA TYR A 494 -7.46 5.33 12.19
C TYR A 494 -8.70 4.65 12.74
N CYS A 495 -8.60 3.40 13.16
CA CYS A 495 -9.74 2.65 13.67
C CYS A 495 -9.54 2.28 15.14
N ARG A 496 -9.02 3.23 15.92
CA ARG A 496 -8.68 2.98 17.31
C ARG A 496 -9.75 3.49 18.28
N SER A 497 -11.00 3.63 17.80
CA SER A 497 -12.05 4.15 18.66
C SER A 497 -12.67 3.05 19.50
N PRO A 498 -13.32 3.40 20.61
CA PRO A 498 -14.05 2.39 21.39
C PRO A 498 -15.18 1.74 20.60
N ASP A 499 -15.74 2.45 19.61
CA ASP A 499 -16.77 1.85 18.78
C ASP A 499 -16.21 0.74 17.89
N PHE A 500 -15.02 0.96 17.32
CA PHE A 500 -14.38 -0.11 16.56
C PHE A 500 -14.03 -1.29 17.46
N ARG A 501 -13.47 -1.00 18.64
CA ARG A 501 -13.04 -2.08 19.53
C ARG A 501 -14.21 -2.97 19.91
N LYS A 502 -15.35 -2.37 20.28
CA LYS A 502 -16.53 -3.17 20.60
C LYS A 502 -17.03 -3.94 19.39
N ALA A 503 -16.78 -3.43 18.19
CA ALA A 503 -17.19 -4.13 16.98
C ALA A 503 -16.18 -5.19 16.58
N PHE A 504 -14.87 -4.88 16.66
CA PHE A 504 -13.85 -5.86 16.34
C PHE A 504 -13.96 -7.08 17.25
N GLN A 505 -14.20 -6.86 18.54
CA GLN A 505 -14.36 -7.96 19.47
C GLN A 505 -15.63 -8.76 19.18
N GLY A 506 -16.59 -8.11 18.56
CA GLY A 506 -17.83 -8.76 18.26
C GLY A 506 -17.77 -9.51 16.96
N LEU A 507 -16.66 -9.37 16.26
CA LEU A 507 -16.52 -10.04 14.98
C LEU A 507 -15.68 -11.26 15.05
N LEU A 508 -14.88 -11.31 16.09
CA LEU A 508 -13.94 -12.39 16.31
C LEU A 508 -14.35 -13.33 17.44
N CYS A 509 -15.28 -12.92 18.31
CA CYS A 509 -15.72 -13.71 19.46
C CYS A 509 -14.55 -14.14 20.33
N GLN B 1 -11.92 7.53 35.92
CA GLN B 1 -11.01 8.66 36.02
C GLN B 1 -11.72 10.01 36.04
N VAL B 2 -12.29 10.40 34.89
CA VAL B 2 -12.91 11.70 34.75
C VAL B 2 -14.38 11.61 35.14
N GLN B 3 -14.79 12.42 36.11
CA GLN B 3 -16.17 12.51 36.56
C GLN B 3 -16.64 13.95 36.51
N LEU B 4 -17.90 14.15 36.15
CA LEU B 4 -18.48 15.48 36.03
C LEU B 4 -19.67 15.60 36.96
N GLN B 5 -19.70 16.67 37.76
CA GLN B 5 -20.74 16.90 38.74
C GLN B 5 -21.86 17.75 38.16
N GLU B 6 -23.07 17.56 38.68
CA GLU B 6 -24.30 18.00 38.02
C GLU B 6 -25.19 18.66 39.06
N SER B 7 -25.35 19.98 38.97
CA SER B 7 -26.09 20.73 39.97
C SER B 7 -27.10 21.66 39.31
N GLY B 8 -28.07 22.09 40.10
CA GLY B 8 -29.07 23.05 39.66
C GLY B 8 -30.44 22.49 39.39
N GLY B 9 -30.63 21.18 39.50
CA GLY B 9 -31.93 20.59 39.18
C GLY B 9 -32.95 20.79 40.30
N GLY B 10 -34.21 20.81 39.91
CA GLY B 10 -35.29 20.98 40.86
C GLY B 10 -36.61 21.15 40.15
N LEU B 11 -37.67 21.25 40.96
CA LEU B 11 -39.02 21.42 40.48
C LEU B 11 -39.45 22.86 40.69
N VAL B 12 -40.15 23.43 39.70
CA VAL B 12 -40.50 24.85 39.70
C VAL B 12 -41.81 25.02 38.93
N GLN B 13 -42.51 26.11 39.22
CA GLN B 13 -43.77 26.39 38.56
C GLN B 13 -43.54 26.84 37.13
N ALA B 14 -44.59 26.74 36.32
CA ALA B 14 -44.52 27.18 34.94
C ALA B 14 -44.28 28.68 34.88
N GLY B 15 -43.26 29.07 34.12
CA GLY B 15 -42.86 30.46 33.99
C GLY B 15 -41.68 30.86 34.85
N GLY B 16 -41.21 29.97 35.73
CA GLY B 16 -40.06 30.25 36.56
C GLY B 16 -38.75 30.15 35.81
N SER B 17 -37.69 29.81 36.54
CA SER B 17 -36.36 29.72 35.94
C SER B 17 -35.50 28.79 36.78
N LEU B 18 -34.40 28.34 36.18
CA LEU B 18 -33.41 27.51 36.84
C LEU B 18 -32.02 27.89 36.34
N ARG B 19 -31.01 27.25 36.87
CA ARG B 19 -29.66 27.51 36.43
C ARG B 19 -28.79 26.32 36.69
N LEU B 20 -28.71 25.46 35.68
CA LEU B 20 -27.95 24.22 35.75
C LEU B 20 -26.45 24.51 35.74
N SER B 21 -25.71 23.74 36.53
CA SER B 21 -24.27 23.88 36.66
C SER B 21 -23.62 22.51 36.56
N CYS B 22 -22.62 22.39 35.68
CA CYS B 22 -21.92 21.14 35.46
C CYS B 22 -20.43 21.38 35.57
N ALA B 23 -19.80 20.76 36.57
CA ALA B 23 -18.37 20.84 36.79
C ALA B 23 -17.75 19.48 36.50
N ALA B 24 -16.78 19.45 35.58
CA ALA B 24 -16.14 18.21 35.16
C ALA B 24 -14.72 18.18 35.71
N SER B 25 -14.46 17.22 36.59
CA SER B 25 -13.12 17.02 37.13
C SER B 25 -12.26 16.28 36.11
N GLY B 26 -11.07 15.88 36.51
CA GLY B 26 -10.17 15.16 35.63
C GLY B 26 -9.60 16.03 34.53
N SER B 27 -8.70 15.47 33.73
CA SER B 27 -8.04 16.20 32.65
C SER B 27 -8.77 15.94 31.35
N ILE B 28 -8.92 16.99 30.55
CA ILE B 28 -9.57 16.93 29.25
C ILE B 28 -8.78 17.77 28.25
N PHE B 29 -8.97 17.46 26.97
CA PHE B 29 -8.26 18.14 25.91
C PHE B 29 -8.85 19.54 25.67
N ALA B 30 -7.99 20.45 25.20
CA ALA B 30 -8.37 21.86 25.13
C ALA B 30 -9.55 22.09 24.21
N LEU B 31 -9.66 21.33 23.13
CA LEU B 31 -10.78 21.46 22.19
C LEU B 31 -11.86 20.44 22.57
N ASN B 32 -13.04 20.93 22.91
CA ASN B 32 -14.10 20.07 23.41
C ASN B 32 -15.45 20.71 23.14
N ILE B 33 -16.51 19.99 23.50
CA ILE B 33 -17.88 20.48 23.43
C ILE B 33 -18.58 20.06 24.71
N MET B 34 -18.89 21.02 25.58
CA MET B 34 -19.74 20.77 26.73
C MET B 34 -21.19 21.06 26.35
N GLY B 35 -22.07 20.10 26.63
CA GLY B 35 -23.45 20.20 26.19
C GLY B 35 -24.42 19.64 27.21
N TRP B 36 -25.70 19.91 26.96
CA TRP B 36 -26.79 19.41 27.77
C TRP B 36 -27.76 18.64 26.89
N TYR B 37 -28.18 17.47 27.35
CA TYR B 37 -29.14 16.62 26.66
C TYR B 37 -30.31 16.33 27.59
N ARG B 38 -31.52 16.23 27.02
CA ARG B 38 -32.72 15.97 27.81
C ARG B 38 -33.50 14.81 27.21
N GLN B 39 -34.07 13.99 28.09
CA GLN B 39 -34.96 12.90 27.69
C GLN B 39 -36.21 12.96 28.56
N ALA B 40 -37.34 13.29 27.95
CA ALA B 40 -38.62 13.20 28.62
C ALA B 40 -39.11 11.76 28.61
N PRO B 41 -40.01 11.39 29.52
CA PRO B 41 -40.62 10.06 29.45
C PRO B 41 -41.28 9.84 28.10
N GLY B 42 -40.98 8.71 27.48
CA GLY B 42 -41.40 8.47 26.12
C GLY B 42 -40.34 8.81 25.09
N LYS B 43 -40.41 10.01 24.53
CA LYS B 43 -39.49 10.43 23.47
C LYS B 43 -38.04 10.23 23.89
N GLN B 44 -37.19 9.92 22.89
CA GLN B 44 -35.79 9.62 23.13
C GLN B 44 -34.97 10.89 23.35
N ARG B 45 -33.67 10.70 23.58
CA ARG B 45 -32.80 11.79 24.01
C ARG B 45 -32.65 12.83 22.92
N GLU B 46 -32.59 14.10 23.33
CA GLU B 46 -32.41 15.22 22.41
C GLU B 46 -31.45 16.22 23.03
N LEU B 47 -30.81 17.01 22.17
CA LEU B 47 -29.90 18.06 22.62
C LEU B 47 -30.65 19.37 22.77
N VAL B 48 -30.18 20.19 23.71
CA VAL B 48 -30.72 21.53 23.92
C VAL B 48 -29.67 22.60 23.67
N ALA B 49 -28.49 22.46 24.27
CA ALA B 49 -27.47 23.49 24.17
C ALA B 49 -26.09 22.86 24.26
N ALA B 50 -25.25 23.17 23.27
CA ALA B 50 -23.85 22.76 23.27
C ALA B 50 -22.98 23.99 23.07
N ILE B 51 -21.82 24.00 23.72
CA ILE B 51 -20.89 25.13 23.65
C ILE B 51 -19.49 24.59 23.39
N HIS B 52 -18.83 25.16 22.39
CA HIS B 52 -17.49 24.73 21.98
C HIS B 52 -16.44 25.56 22.71
N SER B 53 -15.25 24.97 22.83
CA SER B 53 -14.14 25.63 23.53
C SER B 53 -13.79 26.98 22.94
N GLY B 54 -14.15 27.23 21.68
CA GLY B 54 -13.91 28.51 21.06
C GLY B 54 -14.97 29.53 21.44
N GLY B 55 -16.23 29.10 21.47
CA GLY B 55 -17.33 29.98 21.83
C GLY B 55 -18.58 29.76 21.01
N THR B 56 -18.45 29.05 19.89
CA THR B 56 -19.60 28.80 19.03
C THR B 56 -20.66 28.00 19.76
N THR B 57 -21.93 28.31 19.49
CA THR B 57 -23.07 27.74 20.19
C THR B 57 -23.93 26.94 19.22
N ASN B 58 -24.87 26.19 19.80
CA ASN B 58 -25.89 25.49 19.00
C ASN B 58 -27.06 25.20 19.93
N TYR B 59 -28.19 25.85 19.67
CA TYR B 59 -29.40 25.68 20.47
C TYR B 59 -30.49 25.05 19.62
N ALA B 60 -31.19 24.07 20.18
CA ALA B 60 -32.37 23.53 19.53
C ALA B 60 -33.40 24.64 19.34
N ASN B 61 -33.99 24.70 18.14
CA ASN B 61 -34.83 25.84 17.79
C ASN B 61 -36.13 25.89 18.60
N SER B 62 -36.56 24.78 19.19
CA SER B 62 -37.65 24.81 20.16
C SER B 62 -37.21 25.35 21.51
N VAL B 63 -35.93 25.67 21.65
CA VAL B 63 -35.33 26.03 22.93
C VAL B 63 -34.55 27.34 22.89
N LYS B 64 -34.07 27.77 21.73
CA LYS B 64 -33.23 28.96 21.62
C LYS B 64 -33.98 30.20 22.09
N GLY B 65 -33.22 31.23 22.42
CA GLY B 65 -33.79 32.47 22.94
C GLY B 65 -34.12 32.44 24.42
N ARG B 66 -34.89 31.45 24.85
CA ARG B 66 -35.23 31.29 26.26
C ARG B 66 -34.04 30.73 27.06
N PHE B 67 -33.23 29.89 26.42
CA PHE B 67 -32.11 29.20 27.04
C PHE B 67 -30.81 29.81 26.55
N THR B 68 -29.81 29.89 27.45
CA THR B 68 -28.48 30.35 27.08
C THR B 68 -27.45 29.48 27.77
N ILE B 69 -26.46 29.00 27.02
CA ILE B 69 -25.38 28.18 27.54
C ILE B 69 -24.09 29.01 27.58
N SER B 70 -23.26 28.73 28.58
CA SER B 70 -22.06 29.52 28.79
C SER B 70 -20.96 28.64 29.37
N ARG B 71 -19.72 29.13 29.25
CA ARG B 71 -18.55 28.46 29.80
C ARG B 71 -17.85 29.37 30.79
N ASP B 72 -17.05 28.76 31.66
CA ASP B 72 -16.27 29.49 32.65
C ASP B 72 -14.84 29.64 32.15
N ASN B 73 -14.31 30.85 32.24
CA ASN B 73 -12.92 31.11 31.88
C ASN B 73 -12.00 30.45 32.90
N ALA B 74 -11.10 29.59 32.41
CA ALA B 74 -10.13 28.88 33.25
C ALA B 74 -10.83 27.97 34.26
N ALA B 75 -11.85 27.24 33.80
CA ALA B 75 -12.57 26.27 34.61
C ALA B 75 -13.39 25.34 33.74
N ASN B 76 -13.26 24.03 33.95
CA ASN B 76 -13.99 23.04 33.15
C ASN B 76 -15.41 22.89 33.68
N THR B 77 -16.19 23.96 33.51
CA THR B 77 -17.57 23.99 33.95
C THR B 77 -18.42 24.68 32.88
N VAL B 78 -19.67 24.22 32.76
CA VAL B 78 -20.62 24.77 31.80
C VAL B 78 -21.89 25.17 32.55
N TYR B 79 -22.44 26.33 32.20
CA TYR B 79 -23.61 26.90 32.87
C TYR B 79 -24.73 27.05 31.87
N LEU B 80 -25.89 26.47 32.17
CA LEU B 80 -27.08 26.61 31.33
C LEU B 80 -28.11 27.45 32.09
N GLN B 81 -28.03 28.76 31.90
CA GLN B 81 -28.99 29.69 32.48
C GLN B 81 -30.27 29.64 31.67
N MET B 82 -31.33 29.07 32.26
CA MET B 82 -32.57 28.82 31.55
C MET B 82 -33.71 29.61 32.16
N ASN B 83 -34.57 30.15 31.30
CA ASN B 83 -35.65 31.03 31.71
C ASN B 83 -36.90 30.67 30.91
N SER B 84 -38.02 31.29 31.28
CA SER B 84 -39.28 31.17 30.57
C SER B 84 -39.68 29.70 30.38
N LEU B 85 -39.66 28.95 31.49
CA LEU B 85 -39.89 27.52 31.43
C LEU B 85 -41.34 27.22 31.08
N LYS B 86 -41.55 26.15 30.31
CA LYS B 86 -42.86 25.71 29.86
C LYS B 86 -43.06 24.25 30.24
N PRO B 87 -44.32 23.82 30.43
CA PRO B 87 -44.56 22.45 30.94
C PRO B 87 -44.06 21.34 30.02
N GLU B 88 -43.68 21.66 28.79
CA GLU B 88 -43.13 20.67 27.86
C GLU B 88 -41.64 20.43 28.08
N ASP B 89 -41.04 21.04 29.10
CA ASP B 89 -39.62 20.88 29.39
C ASP B 89 -39.36 19.94 30.56
N THR B 90 -40.31 19.07 30.89
CA THR B 90 -40.14 18.09 31.96
C THR B 90 -39.28 16.95 31.44
N ALA B 91 -38.00 16.94 31.84
CA ALA B 91 -37.08 15.91 31.39
C ALA B 91 -35.85 15.92 32.29
N VAL B 92 -35.15 14.79 32.29
CA VAL B 92 -33.86 14.69 33.00
C VAL B 92 -32.80 15.31 32.11
N TYR B 93 -32.11 16.33 32.62
CA TYR B 93 -31.07 17.01 31.85
C TYR B 93 -29.72 16.37 32.15
N TYR B 94 -29.03 15.94 31.08
CA TYR B 94 -27.75 15.26 31.18
C TYR B 94 -26.63 16.19 30.73
N CYS B 95 -25.49 16.10 31.39
CA CYS B 95 -24.31 16.87 31.03
C CYS B 95 -23.37 16.00 30.20
N ASN B 96 -23.06 16.45 28.99
CA ASN B 96 -22.19 15.73 28.07
C ASN B 96 -20.95 16.55 27.76
N VAL B 97 -19.84 15.85 27.57
CA VAL B 97 -18.56 16.46 27.22
C VAL B 97 -17.93 15.66 26.09
N LYS B 98 -17.52 16.35 25.03
CA LYS B 98 -16.89 15.73 23.86
C LYS B 98 -15.39 15.93 23.97
N ASP B 99 -14.65 14.84 24.14
CA ASP B 99 -13.19 14.91 24.26
C ASP B 99 -12.53 14.59 22.93
N PHE B 100 -11.54 15.40 22.56
CA PHE B 100 -10.87 15.30 21.26
C PHE B 100 -9.41 14.92 21.39
N GLY B 101 -9.02 14.28 22.50
CA GLY B 101 -7.64 13.89 22.68
C GLY B 101 -7.15 12.93 21.60
N ALA B 102 -7.97 11.92 21.29
CA ALA B 102 -7.76 11.10 20.12
C ALA B 102 -8.34 11.82 18.92
N ILE B 103 -7.50 12.13 17.93
CA ILE B 103 -7.86 13.09 16.90
C ILE B 103 -8.90 12.55 15.93
N ILE B 104 -9.01 11.23 15.81
CA ILE B 104 -9.80 10.64 14.73
C ILE B 104 -11.27 10.50 15.11
N TYR B 105 -11.59 10.33 16.39
CA TYR B 105 -12.96 10.05 16.81
C TYR B 105 -13.33 10.92 18.02
N ASP B 106 -14.61 10.88 18.37
CA ASP B 106 -15.14 11.59 19.51
C ASP B 106 -15.27 10.63 20.70
N TYR B 107 -14.99 11.15 21.89
CA TYR B 107 -14.96 10.34 23.12
C TYR B 107 -15.93 10.96 24.11
N ASP B 108 -17.07 10.31 24.33
CA ASP B 108 -18.17 10.90 25.09
C ASP B 108 -17.97 10.72 26.59
N TYR B 109 -18.19 11.79 27.35
CA TYR B 109 -18.34 11.74 28.79
C TYR B 109 -19.78 12.10 29.15
N TRP B 110 -20.51 11.13 29.71
CA TRP B 110 -21.88 11.37 30.13
C TRP B 110 -21.96 11.61 31.63
N GLY B 111 -23.15 12.00 32.07
CA GLY B 111 -23.42 12.23 33.46
C GLY B 111 -24.63 11.44 33.93
N GLN B 112 -24.82 11.44 35.25
CA GLN B 112 -25.90 10.65 35.83
C GLN B 112 -27.26 11.29 35.57
N GLY B 113 -27.36 12.60 35.75
CA GLY B 113 -28.59 13.31 35.44
C GLY B 113 -29.26 13.97 36.63
N THR B 114 -29.97 15.07 36.38
CA THR B 114 -30.72 15.78 37.41
C THR B 114 -32.16 15.95 36.92
N GLN B 115 -33.11 15.52 37.74
CA GLN B 115 -34.52 15.61 37.37
C GLN B 115 -34.99 17.05 37.37
N VAL B 116 -35.81 17.40 36.37
CA VAL B 116 -36.38 18.75 36.24
C VAL B 116 -37.82 18.60 35.81
N THR B 117 -38.75 18.90 36.71
CA THR B 117 -40.18 18.91 36.43
C THR B 117 -40.71 20.34 36.56
N VAL B 118 -41.48 20.74 35.55
CA VAL B 118 -42.06 22.06 35.42
C VAL B 118 -43.54 21.92 35.60
N SER B 119 -44.05 22.61 36.62
CA SER B 119 -45.45 22.53 36.97
C SER B 119 -46.26 23.67 36.42
N SER B 120 -47.27 23.30 35.64
CA SER B 120 -48.25 24.19 35.01
C SER B 120 -47.86 25.33 34.09
#